data_3A1U
#
_entry.id   3A1U
#
_cell.length_a   43.613
_cell.length_b   109.396
_cell.length_c   57.261
_cell.angle_alpha   90.00
_cell.angle_beta   97.99
_cell.angle_gamma   90.00
#
_symmetry.space_group_name_H-M   'P 1 21 1'
#
loop_
_entity.id
_entity.type
_entity.pdbx_description
1 polymer 'Iron(II) transport protein B'
2 non-polymer 'PHOSPHOAMINOPHOSPHONIC ACID-GUANYLATE ESTER'
3 non-polymer (4R)-2-METHYLPENTANE-2,4-DIOL
4 non-polymer 'MAGNESIUM ION'
5 water water
#
_entity_poly.entity_id   1
_entity_poly.type   'polypeptide(L)'
_entity_poly.pdbx_seq_one_letter_code
;GPLHMVKVALAGCPNVGKTSLFNALTGTKQYVANWPGVTVEKKEGVFTYKGYTINLIDLPGTYSLGYSSIDEKIARDYLL
KGDADLVILVADSVNPEQSLYLLLEILEMEKKVILAMTAIDEAKKTGMKIDRYELQKHLGIPVVFTSSVTGEGLEELKEK
IVEYAQKNTILHRMILDYGEKVESEIKKVENFLRDKKLRINPRYFALKYLSGDPEFYSEGVKLGLPELSEEERIGYRLLI
AKRKREYVENVVKEAFAD
;
_entity_poly.pdbx_strand_id   A,B
#
loop_
_chem_comp.id
_chem_comp.type
_chem_comp.name
_chem_comp.formula
GNP non-polymer 'PHOSPHOAMINOPHOSPHONIC ACID-GUANYLATE ESTER' 'C10 H17 N6 O13 P3'
MG non-polymer 'MAGNESIUM ION' 'Mg 2'
MRD non-polymer (4R)-2-METHYLPENTANE-2,4-DIOL 'C6 H14 O2'
#
# COMPACT_ATOMS: atom_id res chain seq x y z
N MET A 5 11.86 29.32 0.79
CA MET A 5 11.84 27.88 1.02
C MET A 5 10.51 27.26 0.58
N VAL A 6 10.59 26.25 -0.28
CA VAL A 6 9.38 25.65 -0.85
C VAL A 6 9.29 24.18 -0.46
N LYS A 7 8.17 23.80 0.15
CA LYS A 7 7.96 22.43 0.61
C LYS A 7 7.04 21.71 -0.35
N VAL A 8 7.49 20.57 -0.88
CA VAL A 8 6.76 19.85 -1.90
C VAL A 8 6.65 18.38 -1.52
N ALA A 9 5.47 17.80 -1.71
CA ALA A 9 5.26 16.39 -1.43
C ALA A 9 5.15 15.65 -2.75
N LEU A 10 5.76 14.47 -2.82
CA LEU A 10 5.63 13.61 -3.98
C LEU A 10 4.61 12.55 -3.64
N ALA A 11 3.48 12.55 -4.35
CA ALA A 11 2.44 11.55 -4.14
C ALA A 11 2.34 10.68 -5.38
N GLY A 12 1.75 9.50 -5.24
CA GLY A 12 1.61 8.63 -6.38
C GLY A 12 1.29 7.21 -5.96
N CYS A 13 0.83 6.41 -6.91
CA CYS A 13 0.55 4.99 -6.66
C CYS A 13 1.85 4.25 -6.41
N PRO A 14 1.76 3.04 -5.83
CA PRO A 14 2.97 2.21 -5.69
C PRO A 14 3.75 2.03 -7.00
N ASN A 15 5.07 2.20 -6.90
CA ASN A 15 5.97 1.81 -7.96
C ASN A 15 5.86 2.59 -9.27
N VAL A 16 5.51 3.87 -9.19
CA VAL A 16 5.38 4.70 -10.39
C VAL A 16 6.62 5.54 -10.64
N GLY A 17 7.55 5.53 -9.68
CA GLY A 17 8.82 6.23 -9.84
C GLY A 17 9.01 7.45 -8.96
N LYS A 18 8.29 7.52 -7.84
CA LYS A 18 8.41 8.63 -6.90
C LYS A 18 9.84 8.78 -6.39
N THR A 19 10.39 7.69 -5.88
CA THR A 19 11.72 7.77 -5.27
C THR A 19 12.82 8.03 -6.29
N SER A 20 12.68 7.49 -7.50
CA SER A 20 13.65 7.76 -8.55
C SER A 20 13.68 9.24 -8.87
N LEU A 21 12.51 9.85 -8.93
CA LEU A 21 12.41 11.28 -9.18
C LEU A 21 13.00 12.06 -8.01
N PHE A 22 12.64 11.64 -6.79
CA PHE A 22 13.20 12.19 -5.57
C PHE A 22 14.73 12.17 -5.59
N ASN A 23 15.31 11.02 -5.90
CA ASN A 23 16.76 10.89 -5.99
C ASN A 23 17.37 11.79 -7.06
N ALA A 24 16.72 11.85 -8.22
CA ALA A 24 17.20 12.66 -9.35
C ALA A 24 17.27 14.13 -8.98
N LEU A 25 16.40 14.55 -8.07
CA LEU A 25 16.31 15.95 -7.68
C LEU A 25 17.20 16.32 -6.49
N THR A 26 17.29 15.43 -5.52
CA THR A 26 17.99 15.73 -4.26
C THR A 26 19.40 15.14 -4.16
N GLY A 27 19.68 14.13 -4.99
CA GLY A 27 20.96 13.45 -4.94
C GLY A 27 21.24 12.86 -3.56
N THR A 28 22.36 13.25 -2.96
CA THR A 28 22.73 12.73 -1.64
C THR A 28 22.16 13.58 -0.51
N LYS A 29 21.51 14.68 -0.88
CA LYS A 29 20.95 15.62 0.10
C LYS A 29 19.57 15.16 0.58
N GLN A 30 19.57 14.06 1.33
CA GLN A 30 18.33 13.45 1.77
C GLN A 30 18.63 12.56 2.95
N TYR A 31 17.60 12.21 3.71
CA TYR A 31 17.76 11.36 4.86
C TYR A 31 16.45 10.65 5.13
N VAL A 32 16.52 9.58 5.91
CA VAL A 32 15.35 8.81 6.26
C VAL A 32 15.12 8.84 7.77
N ALA A 33 13.85 9.01 8.15
CA ALA A 33 13.42 8.92 9.52
C ALA A 33 12.07 8.19 9.54
N ASN A 34 11.34 8.30 10.64
CA ASN A 34 10.01 7.70 10.73
C ASN A 34 8.93 8.76 10.79
N TRP A 35 7.76 8.44 10.28
CA TRP A 35 6.59 9.27 10.51
C TRP A 35 6.22 9.21 11.98
N PRO A 36 5.74 10.33 12.55
CA PRO A 36 5.42 10.40 13.98
C PRO A 36 4.47 9.29 14.43
N GLY A 37 4.84 8.59 15.50
CA GLY A 37 3.97 7.61 16.11
C GLY A 37 3.97 6.23 15.47
N VAL A 38 4.65 6.09 14.33
CA VAL A 38 4.74 4.78 13.68
C VAL A 38 6.17 4.51 13.22
N THR A 39 6.43 3.31 12.71
CA THR A 39 7.78 2.95 12.25
C THR A 39 7.98 3.11 10.74
N VAL A 40 6.91 3.45 10.02
CA VAL A 40 7.00 3.61 8.58
C VAL A 40 7.95 4.76 8.21
N GLU A 41 8.79 4.50 7.21
CA GLU A 41 9.83 5.44 6.82
C GLU A 41 9.29 6.75 6.26
N LYS A 42 9.85 7.85 6.75
CA LYS A 42 9.64 9.15 6.11
C LYS A 42 10.94 9.54 5.43
N LYS A 43 10.86 9.79 4.12
CA LYS A 43 12.03 10.21 3.35
C LYS A 43 11.92 11.69 2.97
N GLU A 44 12.97 12.46 3.27
CA GLU A 44 12.94 13.89 3.04
C GLU A 44 14.28 14.36 2.47
N GLY A 45 14.23 15.35 1.60
CA GLY A 45 15.44 15.89 0.99
C GLY A 45 15.30 17.34 0.60
N VAL A 46 16.39 17.91 0.12
CA VAL A 46 16.42 19.32 -0.24
C VAL A 46 17.31 19.51 -1.45
N PHE A 47 16.93 20.42 -2.33
CA PHE A 47 17.84 20.85 -3.38
C PHE A 47 17.67 22.34 -3.59
N THR A 48 18.63 22.94 -4.29
CA THR A 48 18.59 24.36 -4.56
C THR A 48 18.45 24.56 -6.06
N TYR A 49 17.62 25.54 -6.44
CA TYR A 49 17.38 25.86 -7.84
C TYR A 49 17.13 27.35 -7.99
N LYS A 50 17.99 28.01 -8.77
CA LYS A 50 17.90 29.45 -8.93
C LYS A 50 17.81 30.13 -7.56
N GLY A 51 18.60 29.65 -6.61
CA GLY A 51 18.63 30.25 -5.29
C GLY A 51 17.53 29.77 -4.34
N TYR A 52 16.44 29.25 -4.89
CA TYR A 52 15.37 28.73 -4.06
C TYR A 52 15.84 27.49 -3.31
N THR A 53 15.27 27.27 -2.14
CA THR A 53 15.51 26.06 -1.38
C THR A 53 14.23 25.23 -1.40
N ILE A 54 14.28 24.10 -2.08
CA ILE A 54 13.08 23.29 -2.26
C ILE A 54 13.20 22.01 -1.44
N ASN A 55 12.26 21.86 -0.52
CA ASN A 55 12.22 20.75 0.41
C ASN A 55 11.29 19.67 -0.12
N LEU A 56 11.75 18.44 -0.19
CA LEU A 56 11.00 17.38 -0.85
C LEU A 56 10.62 16.29 0.14
N ILE A 57 9.34 15.90 0.15
CA ILE A 57 8.87 14.77 0.96
C ILE A 57 8.39 13.65 0.03
N ASP A 58 8.95 12.46 0.20
CA ASP A 58 8.63 11.31 -0.64
C ASP A 58 7.60 10.41 0.06
N LEU A 59 6.33 10.55 -0.32
CA LEU A 59 5.22 9.89 0.38
C LEU A 59 5.10 8.40 0.07
N PRO A 60 4.50 7.63 0.99
CA PRO A 60 4.19 6.23 0.70
C PRO A 60 3.32 6.12 -0.56
N GLY A 61 3.52 5.06 -1.35
CA GLY A 61 2.68 4.78 -2.50
C GLY A 61 1.25 4.41 -2.10
N THR A 62 0.28 4.98 -2.80
CA THR A 62 -1.13 4.84 -2.45
C THR A 62 -2.00 4.76 -3.71
N TYR A 63 -2.85 3.74 -3.79
CA TYR A 63 -3.82 3.68 -4.90
C TYR A 63 -4.99 4.61 -4.64
N SER A 64 -5.30 4.80 -3.37
CA SER A 64 -6.43 5.65 -3.00
C SER A 64 -6.10 6.33 -1.69
N LEU A 65 -6.90 7.33 -1.31
CA LEU A 65 -6.66 8.03 -0.06
C LEU A 65 -7.81 7.82 0.93
N GLY A 66 -7.96 6.56 1.35
CA GLY A 66 -8.88 6.20 2.42
C GLY A 66 -8.21 6.38 3.76
N TYR A 67 -8.72 5.69 4.78
CA TYR A 67 -8.15 5.83 6.10
C TYR A 67 -8.18 4.52 6.87
N SER A 68 -7.81 3.44 6.18
CA SER A 68 -7.75 2.12 6.78
C SER A 68 -6.32 1.60 6.84
N SER A 69 -5.62 1.66 5.71
CA SER A 69 -4.26 1.15 5.61
C SER A 69 -3.22 2.20 6.00
N ILE A 70 -2.12 1.77 6.62
CA ILE A 70 -1.15 2.74 7.15
C ILE A 70 -0.51 3.65 6.09
N ASP A 71 -0.23 3.11 4.91
CA ASP A 71 0.30 3.94 3.83
C ASP A 71 -0.66 5.10 3.48
N GLU A 72 -1.93 4.77 3.25
CA GLU A 72 -2.94 5.77 2.89
C GLU A 72 -3.17 6.77 4.04
N LYS A 73 -3.17 6.28 5.26
CA LYS A 73 -3.35 7.17 6.41
C LYS A 73 -2.23 8.19 6.44
N ILE A 74 -0.99 7.73 6.31
CA ILE A 74 0.15 8.62 6.35
C ILE A 74 0.10 9.64 5.21
N ALA A 75 -0.09 9.15 3.98
CA ALA A 75 -0.12 10.03 2.82
C ALA A 75 -1.20 11.09 2.97
N ARG A 76 -2.40 10.65 3.33
CA ARG A 76 -3.52 11.59 3.41
C ARG A 76 -3.37 12.58 4.56
N ASP A 77 -2.94 12.09 5.72
CA ASP A 77 -2.67 12.97 6.84
C ASP A 77 -1.67 14.05 6.46
N TYR A 78 -0.62 13.70 5.74
CA TYR A 78 0.33 14.72 5.33
C TYR A 78 -0.27 15.71 4.35
N LEU A 79 -0.98 15.21 3.35
CA LEU A 79 -1.60 16.07 2.34
C LEU A 79 -2.60 17.05 2.96
N LEU A 80 -3.38 16.59 3.93
CA LEU A 80 -4.43 17.41 4.52
C LEU A 80 -3.97 18.23 5.73
N LYS A 81 -3.03 17.69 6.49
CA LYS A 81 -2.66 18.30 7.77
C LYS A 81 -1.21 18.78 7.83
N GLY A 82 -0.45 18.54 6.76
CA GLY A 82 0.95 18.90 6.73
C GLY A 82 1.20 20.31 6.23
N ASP A 83 2.45 20.62 5.89
CA ASP A 83 2.81 21.97 5.49
C ASP A 83 3.38 22.07 4.07
N ALA A 84 3.01 21.14 3.21
CA ALA A 84 3.42 21.21 1.82
C ALA A 84 2.80 22.45 1.16
N ASP A 85 3.61 23.19 0.40
CA ASP A 85 3.11 24.32 -0.37
C ASP A 85 2.43 23.81 -1.63
N LEU A 86 2.97 22.73 -2.20
CA LEU A 86 2.40 22.15 -3.40
C LEU A 86 2.69 20.65 -3.47
N VAL A 87 1.97 19.98 -4.35
CA VAL A 87 2.09 18.53 -4.46
C VAL A 87 2.47 18.16 -5.90
N ILE A 88 3.37 17.20 -6.03
CA ILE A 88 3.66 16.66 -7.36
C ILE A 88 3.06 15.28 -7.40
N LEU A 89 2.10 15.08 -8.30
CA LEU A 89 1.54 13.76 -8.52
C LEU A 89 2.42 13.08 -9.57
N VAL A 90 3.15 12.07 -9.11
CA VAL A 90 4.03 11.32 -9.99
C VAL A 90 3.24 10.21 -10.64
N ALA A 91 3.13 10.26 -11.96
CA ALA A 91 2.30 9.32 -12.70
C ALA A 91 3.15 8.44 -13.59
N ASP A 92 2.75 7.18 -13.73
CA ASP A 92 3.38 6.25 -14.65
C ASP A 92 2.84 6.51 -16.06
N SER A 93 3.69 7.08 -16.92
CA SER A 93 3.25 7.49 -18.26
C SER A 93 2.79 6.32 -19.13
N VAL A 94 3.37 5.15 -18.88
CA VAL A 94 3.02 3.95 -19.65
C VAL A 94 1.67 3.40 -19.23
N ASN A 95 1.38 3.46 -17.93
CA ASN A 95 0.15 2.93 -17.37
C ASN A 95 -0.49 3.94 -16.43
N PRO A 96 -1.10 5.00 -17.01
CA PRO A 96 -1.45 6.19 -16.23
C PRO A 96 -2.79 6.13 -15.50
N GLU A 97 -3.65 5.15 -15.78
CA GLU A 97 -5.02 5.19 -15.27
C GLU A 97 -5.10 5.31 -13.74
N GLN A 98 -4.38 4.44 -13.06
CA GLN A 98 -4.43 4.45 -11.60
C GLN A 98 -3.88 5.75 -11.05
N SER A 99 -2.84 6.29 -11.69
CA SER A 99 -2.27 7.57 -11.26
C SER A 99 -3.28 8.71 -11.41
N LEU A 100 -4.01 8.73 -12.52
CA LEU A 100 -4.95 9.81 -12.79
C LEU A 100 -6.15 9.73 -11.85
N TYR A 101 -6.53 8.52 -11.49
CA TYR A 101 -7.57 8.33 -10.50
C TYR A 101 -7.15 8.94 -9.15
N LEU A 102 -5.96 8.57 -8.68
CA LEU A 102 -5.41 9.14 -7.46
C LEU A 102 -5.32 10.66 -7.59
N LEU A 103 -4.90 11.13 -8.76
CA LEU A 103 -4.81 12.57 -8.98
C LEU A 103 -6.16 13.25 -8.70
N LEU A 104 -7.25 12.68 -9.18
CA LEU A 104 -8.56 13.33 -9.00
C LEU A 104 -8.91 13.48 -7.52
N GLU A 105 -8.57 12.48 -6.72
CA GLU A 105 -8.82 12.58 -5.29
C GLU A 105 -8.06 13.76 -4.68
N ILE A 106 -6.82 13.97 -5.11
CA ILE A 106 -6.01 15.04 -4.56
C ILE A 106 -6.48 16.41 -5.04
N LEU A 107 -6.87 16.51 -6.31
CA LEU A 107 -7.37 17.78 -6.84
C LEU A 107 -8.59 18.25 -6.06
N GLU A 108 -9.40 17.30 -5.62
CA GLU A 108 -10.60 17.63 -4.86
C GLU A 108 -10.28 18.23 -3.49
N MET A 109 -9.04 18.05 -3.05
CA MET A 109 -8.58 18.70 -1.81
C MET A 109 -8.31 20.18 -2.00
N GLU A 110 -8.35 20.63 -3.26
CA GLU A 110 -8.06 22.02 -3.61
C GLU A 110 -6.65 22.47 -3.21
N LYS A 111 -5.67 21.61 -3.42
CA LYS A 111 -4.28 21.98 -3.20
C LYS A 111 -3.61 22.27 -4.55
N LYS A 112 -2.48 22.96 -4.52
CA LYS A 112 -1.70 23.16 -5.74
C LYS A 112 -1.06 21.83 -6.12
N VAL A 113 -1.30 21.38 -7.34
CA VAL A 113 -0.73 20.13 -7.83
C VAL A 113 -0.09 20.29 -9.21
N ILE A 114 1.09 19.68 -9.38
CA ILE A 114 1.71 19.55 -10.69
C ILE A 114 1.73 18.07 -11.05
N LEU A 115 1.31 17.75 -12.27
CA LEU A 115 1.35 16.37 -12.74
C LEU A 115 2.69 16.09 -13.42
N ALA A 116 3.46 15.17 -12.85
CA ALA A 116 4.69 14.72 -13.47
C ALA A 116 4.46 13.37 -14.16
N MET A 117 4.44 13.40 -15.49
CA MET A 117 4.29 12.17 -16.26
C MET A 117 5.67 11.56 -16.41
N THR A 118 6.00 10.64 -15.51
CA THR A 118 7.37 10.14 -15.46
C THR A 118 7.55 8.84 -16.25
N ALA A 119 8.79 8.39 -16.32
CA ALA A 119 9.20 7.29 -17.20
C ALA A 119 8.79 7.59 -18.64
N ILE A 120 8.87 8.85 -19.03
CA ILE A 120 8.47 9.25 -20.36
C ILE A 120 9.40 8.60 -21.40
N ASP A 121 10.62 8.29 -20.96
CA ASP A 121 11.58 7.58 -21.81
C ASP A 121 11.09 6.19 -22.21
N GLU A 122 10.38 5.52 -21.30
CA GLU A 122 9.82 4.20 -21.59
C GLU A 122 8.54 4.36 -22.41
N ALA A 123 7.71 5.33 -22.05
CA ALA A 123 6.48 5.58 -22.79
C ALA A 123 6.74 5.89 -24.26
N LYS A 124 7.77 6.67 -24.57
CA LYS A 124 7.95 7.09 -25.96
C LYS A 124 8.35 5.90 -26.84
N LYS A 125 8.92 4.87 -26.23
CA LYS A 125 9.32 3.68 -26.98
C LYS A 125 8.17 2.75 -27.36
N THR A 126 6.98 3.03 -26.85
CA THR A 126 5.79 2.27 -27.24
C THR A 126 5.19 2.82 -28.54
N GLY A 127 5.59 4.03 -28.90
CA GLY A 127 5.03 4.69 -30.06
C GLY A 127 3.82 5.52 -29.70
N MET A 128 3.39 5.43 -28.45
CA MET A 128 2.21 6.19 -28.01
C MET A 128 2.47 7.68 -28.08
N LYS A 129 1.40 8.45 -28.25
CA LYS A 129 1.48 9.90 -28.31
CA LYS A 129 1.45 9.89 -28.34
C LYS A 129 0.72 10.49 -27.13
N ILE A 130 1.46 11.11 -26.22
CA ILE A 130 0.83 11.75 -25.06
C ILE A 130 0.75 13.25 -25.31
N ASP A 131 -0.46 13.80 -25.23
CA ASP A 131 -0.68 15.22 -25.53
C ASP A 131 -0.77 16.02 -24.25
N ARG A 132 0.33 16.68 -23.91
CA ARG A 132 0.43 17.44 -22.65
C ARG A 132 -0.62 18.52 -22.56
N TYR A 133 -0.96 19.11 -23.71
CA TYR A 133 -1.96 20.16 -23.76
C TYR A 133 -3.34 19.63 -23.38
N GLU A 134 -3.66 18.43 -23.86
CA GLU A 134 -4.94 17.83 -23.53
C GLU A 134 -5.00 17.44 -22.06
N LEU A 135 -3.87 17.01 -21.50
CA LEU A 135 -3.82 16.74 -20.06
C LEU A 135 -4.06 18.02 -19.28
N GLN A 136 -3.39 19.10 -19.67
CA GLN A 136 -3.58 20.38 -18.99
C GLN A 136 -5.02 20.85 -19.12
N LYS A 137 -5.61 20.68 -20.31
CA LYS A 137 -6.98 21.13 -20.53
C LYS A 137 -7.97 20.43 -19.61
N HIS A 138 -7.84 19.11 -19.50
CA HIS A 138 -8.83 18.32 -18.79
C HIS A 138 -8.54 18.19 -17.30
N LEU A 139 -7.32 18.49 -16.89
CA LEU A 139 -6.98 18.38 -15.46
C LEU A 139 -6.80 19.73 -14.77
N GLY A 140 -6.64 20.78 -15.56
CA GLY A 140 -6.55 22.14 -15.04
C GLY A 140 -5.31 22.44 -14.22
N ILE A 141 -4.26 21.65 -14.43
CA ILE A 141 -3.01 21.84 -13.70
C ILE A 141 -1.81 21.77 -14.65
N PRO A 142 -0.64 22.27 -14.21
CA PRO A 142 0.56 22.17 -15.03
C PRO A 142 0.97 20.71 -15.17
N VAL A 143 1.41 20.33 -16.36
CA VAL A 143 1.86 18.97 -16.62
C VAL A 143 3.27 19.02 -17.20
N VAL A 144 4.14 18.15 -16.68
CA VAL A 144 5.53 18.07 -17.14
C VAL A 144 5.91 16.63 -17.40
N PHE A 145 6.52 16.35 -18.55
CA PHE A 145 7.03 15.01 -18.84
C PHE A 145 8.42 14.88 -18.24
N THR A 146 8.67 13.80 -17.50
CA THR A 146 9.96 13.62 -16.85
C THR A 146 10.53 12.21 -17.03
N SER A 147 11.86 12.11 -16.97
CA SER A 147 12.53 10.82 -16.90
C SER A 147 13.68 10.89 -15.90
N SER A 148 13.63 10.00 -14.92
CA SER A 148 14.72 9.86 -13.95
C SER A 148 15.90 9.12 -14.57
N VAL A 149 15.69 8.55 -15.75
CA VAL A 149 16.78 7.89 -16.48
C VAL A 149 17.57 8.90 -17.32
N THR A 150 16.88 9.62 -18.18
CA THR A 150 17.53 10.54 -19.12
C THR A 150 17.67 11.96 -18.61
N GLY A 151 16.85 12.33 -17.63
CA GLY A 151 16.87 13.67 -17.09
C GLY A 151 15.89 14.59 -17.81
N GLU A 152 15.18 14.05 -18.80
CA GLU A 152 14.16 14.82 -19.50
C GLU A 152 13.23 15.46 -18.49
N GLY A 153 12.94 16.74 -18.66
CA GLY A 153 11.94 17.42 -17.88
C GLY A 153 12.28 17.83 -16.45
N LEU A 154 13.43 17.40 -15.94
CA LEU A 154 13.77 17.68 -14.54
C LEU A 154 13.89 19.19 -14.30
N GLU A 155 14.60 19.88 -15.18
CA GLU A 155 14.73 21.33 -15.07
C GLU A 155 13.40 22.04 -15.29
N GLU A 156 12.59 21.54 -16.22
CA GLU A 156 11.27 22.11 -16.44
C GLU A 156 10.40 21.96 -15.19
N LEU A 157 10.53 20.80 -14.54
CA LEU A 157 9.79 20.55 -13.30
C LEU A 157 10.20 21.54 -12.22
N LYS A 158 11.50 21.76 -12.07
CA LYS A 158 11.98 22.71 -11.07
C LYS A 158 11.41 24.10 -11.36
N GLU A 159 11.45 24.50 -12.63
CA GLU A 159 10.91 25.79 -13.02
C GLU A 159 9.42 25.88 -12.70
N LYS A 160 8.67 24.81 -12.96
CA LYS A 160 7.23 24.81 -12.72
C LYS A 160 6.92 24.87 -11.23
N ILE A 161 7.74 24.21 -10.42
CA ILE A 161 7.56 24.26 -8.97
C ILE A 161 7.64 25.70 -8.46
N VAL A 162 8.68 26.42 -8.86
CA VAL A 162 8.85 27.78 -8.39
C VAL A 162 7.82 28.74 -9.01
N GLU A 163 7.52 28.55 -10.29
CA GLU A 163 6.45 29.32 -10.93
C GLU A 163 5.12 29.15 -10.20
N TYR A 164 4.75 27.91 -9.93
CA TYR A 164 3.48 27.62 -9.27
C TYR A 164 3.47 28.07 -7.81
N ALA A 165 4.61 27.92 -7.14
CA ALA A 165 4.72 28.23 -5.71
C ALA A 165 4.50 29.70 -5.43
N GLN A 166 4.66 30.54 -6.45
CA GLN A 166 4.56 31.98 -6.29
C GLN A 166 3.12 32.49 -6.34
N LYS A 167 2.20 31.64 -6.77
CA LYS A 167 0.81 32.06 -6.93
C LYS A 167 0.04 32.09 -5.61
N ASN A 168 -0.98 32.93 -5.55
CA ASN A 168 -1.77 33.11 -4.33
C ASN A 168 -3.01 32.20 -4.28
N THR A 169 -3.10 31.29 -5.24
CA THR A 169 -4.25 30.39 -5.30
C THR A 169 -4.00 29.25 -6.29
N ILE A 170 -4.78 28.19 -6.18
CA ILE A 170 -4.67 27.06 -7.09
C ILE A 170 -5.07 27.47 -8.50
N ARG A 173 -10.41 24.94 -10.02
CA ARG A 173 -11.00 23.92 -9.17
C ARG A 173 -11.46 22.70 -9.98
N MET A 174 -11.02 21.52 -9.56
CA MET A 174 -11.48 20.27 -10.16
C MET A 174 -12.89 19.98 -9.67
N ILE A 175 -13.88 20.30 -10.50
CA ILE A 175 -15.27 20.11 -10.10
C ILE A 175 -15.93 19.01 -10.92
N LEU A 176 -16.01 17.82 -10.33
CA LEU A 176 -16.52 16.66 -11.03
C LEU A 176 -17.98 16.41 -10.66
N ASP A 177 -18.87 16.49 -11.63
CA ASP A 177 -20.29 16.32 -11.35
C ASP A 177 -20.66 14.86 -11.07
N TYR A 178 -21.19 14.61 -9.89
CA TYR A 178 -21.49 13.25 -9.46
C TYR A 178 -22.93 12.82 -9.71
N GLY A 179 -23.70 13.66 -10.40
CA GLY A 179 -25.08 13.33 -10.70
C GLY A 179 -26.04 13.95 -9.72
N GLU A 180 -27.33 13.96 -10.05
CA GLU A 180 -28.31 14.70 -9.25
C GLU A 180 -28.36 14.28 -7.78
N LYS A 181 -28.41 12.99 -7.51
CA LYS A 181 -28.52 12.51 -6.14
C LYS A 181 -27.32 12.91 -5.27
N VAL A 182 -26.11 12.59 -5.72
CA VAL A 182 -24.93 12.91 -4.93
C VAL A 182 -24.74 14.42 -4.79
N GLU A 183 -24.93 15.16 -5.89
CA GLU A 183 -24.74 16.60 -5.83
C GLU A 183 -25.73 17.23 -4.86
N SER A 184 -26.93 16.67 -4.79
CA SER A 184 -27.94 17.14 -3.87
C SER A 184 -27.50 16.94 -2.42
N GLU A 185 -26.96 15.77 -2.12
CA GLU A 185 -26.51 15.45 -0.76
C GLU A 185 -25.31 16.28 -0.36
N ILE A 186 -24.40 16.50 -1.32
CA ILE A 186 -23.25 17.36 -1.06
C ILE A 186 -23.72 18.77 -0.65
N LYS A 187 -24.68 19.31 -1.38
CA LYS A 187 -25.18 20.65 -1.07
C LYS A 187 -25.79 20.70 0.33
N LYS A 188 -26.54 19.66 0.68
CA LYS A 188 -27.11 19.58 2.03
C LYS A 188 -26.02 19.59 3.10
N VAL A 189 -24.99 18.78 2.90
CA VAL A 189 -23.88 18.75 3.85
C VAL A 189 -23.18 20.11 3.92
N GLU A 190 -22.94 20.72 2.76
CA GLU A 190 -22.30 22.02 2.71
C GLU A 190 -23.10 23.07 3.47
N ASN A 191 -24.42 23.06 3.28
CA ASN A 191 -25.30 24.00 3.96
C ASN A 191 -25.23 23.81 5.47
N PHE A 192 -25.26 22.56 5.90
CA PHE A 192 -25.22 22.25 7.32
C PHE A 192 -23.91 22.66 7.99
N LEU A 193 -22.81 22.54 7.26
CA LEU A 193 -21.49 22.83 7.82
C LEU A 193 -21.10 24.30 7.62
N ARG A 194 -22.04 25.09 7.13
CA ARG A 194 -21.73 26.45 6.68
C ARG A 194 -21.02 27.33 7.72
N ASP A 195 -21.33 27.12 9.00
CA ASP A 195 -20.76 27.93 10.08
C ASP A 195 -19.59 27.24 10.76
N LYS A 196 -19.39 25.97 10.46
CA LYS A 196 -18.33 25.21 11.12
C LYS A 196 -16.97 25.63 10.59
N LYS A 197 -15.97 25.57 11.46
CA LYS A 197 -14.60 25.84 11.06
C LYS A 197 -13.98 24.53 10.59
N LEU A 198 -13.91 24.36 9.27
CA LEU A 198 -13.32 23.15 8.71
C LEU A 198 -11.88 23.43 8.28
N ARG A 199 -11.05 22.40 8.26
CA ARG A 199 -9.66 22.55 7.84
C ARG A 199 -9.47 22.10 6.39
N ILE A 200 -10.59 21.83 5.71
CA ILE A 200 -10.58 21.43 4.30
C ILE A 200 -11.89 21.89 3.68
N ASN A 201 -11.92 22.05 2.36
CA ASN A 201 -13.15 22.56 1.74
C ASN A 201 -14.33 21.61 2.01
N PRO A 202 -15.54 22.18 2.11
CA PRO A 202 -16.73 21.42 2.48
C PRO A 202 -17.13 20.37 1.44
N ARG A 203 -16.81 20.59 0.17
CA ARG A 203 -17.16 19.61 -0.85
C ARG A 203 -16.38 18.31 -0.63
N TYR A 204 -15.07 18.43 -0.43
CA TYR A 204 -14.26 17.27 -0.13
C TYR A 204 -14.76 16.60 1.13
N PHE A 205 -15.05 17.40 2.16
CA PHE A 205 -15.54 16.86 3.42
C PHE A 205 -16.81 16.04 3.17
N ALA A 206 -17.74 16.61 2.42
CA ALA A 206 -19.01 15.96 2.14
C ALA A 206 -18.82 14.65 1.39
N LEU A 207 -17.94 14.65 0.39
CA LEU A 207 -17.65 13.45 -0.36
C LEU A 207 -17.18 12.31 0.54
N LYS A 208 -16.26 12.62 1.45
CA LYS A 208 -15.70 11.60 2.33
C LYS A 208 -16.70 11.15 3.40
N TYR A 209 -17.47 12.08 3.94
CA TYR A 209 -18.52 11.75 4.92
C TYR A 209 -19.56 10.82 4.28
N LEU A 210 -20.06 11.20 3.10
CA LEU A 210 -21.05 10.38 2.41
C LEU A 210 -20.50 8.99 2.09
N SER A 211 -19.21 8.92 1.81
CA SER A 211 -18.56 7.67 1.43
C SER A 211 -18.24 6.78 2.63
N GLY A 212 -18.52 7.28 3.83
CA GLY A 212 -18.29 6.51 5.05
C GLY A 212 -16.83 6.40 5.44
N ASP A 213 -16.03 7.38 5.02
CA ASP A 213 -14.63 7.42 5.42
C ASP A 213 -14.50 7.37 6.94
N PRO A 214 -13.62 6.52 7.46
CA PRO A 214 -13.48 6.40 8.91
C PRO A 214 -13.27 7.74 9.61
N GLU A 215 -12.45 8.62 9.05
CA GLU A 215 -12.20 9.91 9.69
C GLU A 215 -13.32 10.93 9.46
N PHE A 216 -13.64 11.20 8.20
CA PHE A 216 -14.62 12.24 7.88
C PHE A 216 -16.04 11.87 8.29
N TYR A 217 -16.38 10.60 8.20
CA TYR A 217 -17.73 10.19 8.58
C TYR A 217 -17.92 10.42 10.08
N SER A 218 -16.91 10.06 10.87
CA SER A 218 -16.94 10.25 12.32
C SER A 218 -16.87 11.73 12.73
N GLU A 219 -16.03 12.50 12.05
CA GLU A 219 -15.93 13.92 12.32
C GLU A 219 -17.23 14.63 11.94
N GLY A 220 -17.85 14.17 10.85
CA GLY A 220 -19.11 14.74 10.39
C GLY A 220 -20.21 14.54 11.43
N VAL A 221 -20.38 13.30 11.87
CA VAL A 221 -21.34 12.99 12.93
C VAL A 221 -21.13 13.83 14.20
N LYS A 222 -19.87 14.12 14.52
CA LYS A 222 -19.54 14.92 15.70
C LYS A 222 -19.97 16.37 15.49
N LEU A 223 -19.95 16.82 14.24
CA LEU A 223 -20.32 18.18 13.93
C LEU A 223 -21.83 18.33 13.83
N GLY A 224 -22.53 17.22 14.02
CA GLY A 224 -23.98 17.24 14.04
C GLY A 224 -24.66 16.52 12.89
N LEU A 225 -23.88 16.08 11.90
CA LEU A 225 -24.45 15.39 10.75
C LEU A 225 -25.09 14.06 11.16
N PRO A 226 -26.20 13.70 10.50
CA PRO A 226 -26.90 12.46 10.82
C PRO A 226 -26.10 11.21 10.45
N GLU A 227 -26.43 10.10 11.07
CA GLU A 227 -25.83 8.83 10.71
C GLU A 227 -26.33 8.40 9.35
N LEU A 228 -25.50 7.64 8.63
CA LEU A 228 -25.89 7.06 7.35
C LEU A 228 -25.80 5.56 7.51
N SER A 229 -26.68 4.83 6.83
CA SER A 229 -26.64 3.37 6.87
C SER A 229 -25.41 2.85 6.15
N GLU A 230 -25.00 1.64 6.50
CA GLU A 230 -23.88 1.02 5.83
C GLU A 230 -24.15 0.95 4.32
N GLU A 231 -25.39 0.62 3.97
CA GLU A 231 -25.80 0.51 2.57
C GLU A 231 -25.62 1.84 1.84
N GLU A 232 -25.99 2.92 2.51
CA GLU A 232 -25.88 4.25 1.92
C GLU A 232 -24.42 4.61 1.69
N ARG A 233 -23.60 4.43 2.71
CA ARG A 233 -22.18 4.78 2.64
C ARG A 233 -21.49 3.99 1.53
N ILE A 234 -21.79 2.70 1.45
CA ILE A 234 -21.23 1.87 0.42
C ILE A 234 -21.69 2.33 -0.96
N GLY A 235 -22.96 2.73 -1.04
CA GLY A 235 -23.55 3.17 -2.30
C GLY A 235 -22.93 4.46 -2.80
N TYR A 236 -22.75 5.43 -1.91
CA TYR A 236 -22.13 6.69 -2.27
C TYR A 236 -20.68 6.47 -2.67
N ARG A 237 -19.97 5.67 -1.88
CA ARG A 237 -18.56 5.38 -2.16
C ARG A 237 -18.40 4.82 -3.56
N LEU A 238 -19.30 3.93 -3.97
CA LEU A 238 -19.17 3.28 -5.26
C LEU A 238 -19.52 4.21 -6.42
N LEU A 239 -20.54 5.04 -6.23
CA LEU A 239 -20.94 5.98 -7.26
C LEU A 239 -19.84 7.00 -7.51
N ILE A 240 -19.20 7.44 -6.43
CA ILE A 240 -18.15 8.44 -6.53
C ILE A 240 -16.94 7.84 -7.25
N ALA A 241 -16.55 6.63 -6.85
CA ALA A 241 -15.46 5.92 -7.51
C ALA A 241 -15.74 5.70 -8.99
N LYS A 242 -16.95 5.27 -9.31
CA LYS A 242 -17.35 5.05 -10.70
C LYS A 242 -17.25 6.31 -11.55
N ARG A 243 -17.69 7.44 -11.02
CA ARG A 243 -17.63 8.69 -11.76
C ARG A 243 -16.18 9.13 -11.98
N LYS A 244 -15.32 8.92 -10.98
CA LYS A 244 -13.89 9.20 -11.15
C LYS A 244 -13.28 8.32 -12.23
N ARG A 245 -13.59 7.02 -12.20
CA ARG A 245 -13.09 6.11 -13.22
C ARG A 245 -13.49 6.59 -14.63
N GLU A 246 -14.75 6.97 -14.79
CA GLU A 246 -15.26 7.45 -16.07
C GLU A 246 -14.53 8.70 -16.54
N TYR A 247 -14.25 9.62 -15.61
CA TYR A 247 -13.54 10.83 -16.00
C TYR A 247 -12.14 10.48 -16.48
N VAL A 248 -11.48 9.58 -15.75
CA VAL A 248 -10.13 9.14 -16.12
C VAL A 248 -10.13 8.52 -17.51
N GLU A 249 -11.11 7.65 -17.77
CA GLU A 249 -11.25 7.03 -19.08
C GLU A 249 -11.32 8.08 -20.18
N ASN A 250 -12.08 9.14 -19.92
CA ASN A 250 -12.25 10.20 -20.91
C ASN A 250 -10.99 11.01 -21.12
N VAL A 251 -10.27 11.30 -20.03
CA VAL A 251 -9.02 12.01 -20.16
C VAL A 251 -8.04 11.20 -20.99
N VAL A 252 -7.96 9.90 -20.72
CA VAL A 252 -7.04 9.04 -21.44
C VAL A 252 -7.40 8.97 -22.92
N LYS A 253 -8.68 8.95 -23.23
CA LYS A 253 -9.12 8.92 -24.63
C LYS A 253 -8.74 10.21 -25.37
N GLU A 254 -8.83 11.34 -24.69
CA GLU A 254 -8.56 12.63 -25.33
C GLU A 254 -7.07 12.94 -25.44
N ALA A 255 -6.28 12.44 -24.48
CA ALA A 255 -4.89 12.85 -24.36
C ALA A 255 -3.86 11.79 -24.78
N PHE A 256 -4.30 10.55 -24.99
CA PHE A 256 -3.39 9.46 -25.35
C PHE A 256 -3.78 8.85 -26.69
N ALA A 257 -2.78 8.57 -27.53
CA ALA A 257 -3.01 7.90 -28.80
C ALA A 257 -1.88 6.93 -29.12
N ASP A 258 -2.20 5.88 -29.88
CA ASP A 258 -1.21 4.90 -30.31
C ASP A 258 -0.26 5.52 -31.32
N HIS B 4 11.89 -33.37 -8.55
CA HIS B 4 11.32 -32.94 -7.28
C HIS B 4 11.21 -31.42 -7.22
N MET B 5 10.00 -30.91 -7.42
CA MET B 5 9.79 -29.48 -7.45
C MET B 5 9.20 -28.90 -6.17
N VAL B 6 9.67 -27.72 -5.80
CA VAL B 6 9.09 -26.97 -4.69
C VAL B 6 8.80 -25.55 -5.16
N LYS B 7 7.59 -25.08 -4.90
CA LYS B 7 7.21 -23.72 -5.26
C LYS B 7 7.18 -22.83 -4.03
N VAL B 8 7.77 -21.64 -4.14
CA VAL B 8 7.97 -20.77 -3.00
C VAL B 8 7.56 -19.34 -3.31
N ALA B 9 6.67 -18.78 -2.50
CA ALA B 9 6.24 -17.40 -2.69
C ALA B 9 7.05 -16.47 -1.79
N LEU B 10 7.45 -15.32 -2.32
CA LEU B 10 8.08 -14.28 -1.51
C LEU B 10 7.05 -13.21 -1.17
N ALA B 11 6.72 -13.10 0.13
CA ALA B 11 5.77 -12.11 0.61
C ALA B 11 6.45 -11.07 1.46
N GLY B 12 5.85 -9.89 1.60
CA GLY B 12 6.47 -8.87 2.44
C GLY B 12 5.88 -7.48 2.23
N CYS B 13 6.18 -6.59 3.18
CA CYS B 13 5.73 -5.20 3.08
C CYS B 13 6.43 -4.51 1.91
N PRO B 14 5.93 -3.33 1.55
CA PRO B 14 6.54 -2.60 0.43
C PRO B 14 8.02 -2.35 0.62
N ASN B 15 8.81 -2.65 -0.41
CA ASN B 15 10.20 -2.22 -0.49
C ASN B 15 11.11 -2.81 0.57
N VAL B 16 10.77 -4.01 1.05
CA VAL B 16 11.61 -4.67 2.03
C VAL B 16 12.76 -5.46 1.40
N GLY B 17 12.64 -5.76 0.10
CA GLY B 17 13.72 -6.46 -0.58
C GLY B 17 13.31 -7.78 -1.22
N LYS B 18 12.01 -7.93 -1.50
CA LYS B 18 11.50 -9.17 -2.08
C LYS B 18 12.14 -9.50 -3.43
N THR B 19 12.11 -8.54 -4.35
CA THR B 19 12.63 -8.76 -5.70
C THR B 19 14.15 -8.95 -5.71
N SER B 20 14.84 -8.21 -4.85
CA SER B 20 16.28 -8.37 -4.74
C SER B 20 16.64 -9.79 -4.32
N LEU B 21 15.91 -10.32 -3.34
CA LEU B 21 16.17 -11.68 -2.86
C LEU B 21 15.80 -12.72 -3.93
N PHE B 22 14.69 -12.45 -4.61
CA PHE B 22 14.26 -13.20 -5.78
C PHE B 22 15.42 -13.35 -6.77
N ASN B 23 15.97 -12.21 -7.19
CA ASN B 23 17.08 -12.21 -8.14
C ASN B 23 18.36 -12.84 -7.59
N ALA B 24 18.63 -12.59 -6.32
CA ALA B 24 19.84 -13.10 -5.68
C ALA B 24 19.82 -14.62 -5.60
N LEU B 25 18.62 -15.17 -5.40
CA LEU B 25 18.46 -16.62 -5.33
C LEU B 25 18.54 -17.30 -6.69
N THR B 26 17.95 -16.69 -7.70
CA THR B 26 17.92 -17.30 -9.02
C THR B 26 19.20 -17.00 -9.80
N GLY B 27 19.93 -15.97 -9.35
CA GLY B 27 21.10 -15.49 -10.05
C GLY B 27 20.68 -14.91 -11.39
N THR B 28 19.40 -14.59 -11.49
CA THR B 28 18.78 -14.23 -12.75
C THR B 28 17.82 -13.06 -12.61
N LYS B 29 17.74 -12.21 -13.64
CA LYS B 29 16.72 -11.18 -13.67
C LYS B 29 16.18 -10.99 -15.09
N GLN B 30 15.03 -11.59 -15.35
CA GLN B 30 14.48 -11.66 -16.71
C GLN B 30 13.25 -10.78 -16.90
N TYR B 31 13.03 -10.35 -18.14
CA TYR B 31 11.94 -9.45 -18.47
C TYR B 31 10.99 -10.06 -19.50
N VAL B 32 9.75 -9.63 -19.47
CA VAL B 32 8.75 -10.09 -20.42
C VAL B 32 8.09 -8.90 -21.11
N ALA B 33 7.72 -9.08 -22.36
CA ALA B 33 7.05 -8.03 -23.12
C ALA B 33 5.64 -7.83 -22.62
N ASN B 34 5.22 -6.57 -22.50
CA ASN B 34 3.87 -6.25 -22.04
C ASN B 34 3.18 -5.25 -22.98
N THR B 39 8.93 -3.74 -21.75
CA THR B 39 9.07 -4.98 -20.98
C THR B 39 8.96 -4.72 -19.48
N VAL B 40 8.49 -5.73 -18.74
CA VAL B 40 8.40 -5.65 -17.29
C VAL B 40 9.14 -6.82 -16.66
N GLU B 41 9.49 -6.69 -15.38
CA GLU B 41 10.23 -7.74 -14.70
C GLU B 41 9.35 -8.98 -14.49
N LYS B 42 9.88 -10.15 -14.84
CA LYS B 42 9.16 -11.40 -14.66
C LYS B 42 8.92 -11.68 -13.18
N LYS B 43 7.75 -12.21 -12.85
CA LYS B 43 7.37 -12.43 -11.46
C LYS B 43 7.66 -13.86 -10.97
N GLU B 44 8.13 -14.74 -11.85
CA GLU B 44 8.56 -16.04 -11.37
C GLU B 44 9.84 -16.54 -12.02
N GLY B 45 10.58 -17.36 -11.27
CA GLY B 45 11.88 -17.82 -11.71
C GLY B 45 12.24 -19.15 -11.06
N VAL B 46 13.43 -19.65 -11.39
CA VAL B 46 13.83 -20.98 -11.00
C VAL B 46 15.28 -21.00 -10.55
N PHE B 47 15.60 -21.88 -9.61
CA PHE B 47 16.99 -22.28 -9.38
C PHE B 47 17.02 -23.74 -8.95
N THR B 48 18.18 -24.36 -9.09
CA THR B 48 18.35 -25.74 -8.67
C THR B 48 19.24 -25.77 -7.45
N TYR B 49 18.94 -26.66 -6.52
CA TYR B 49 19.73 -26.80 -5.31
C TYR B 49 19.63 -28.25 -4.82
N LYS B 50 20.77 -28.91 -4.72
CA LYS B 50 20.83 -30.29 -4.26
C LYS B 50 19.75 -31.18 -4.85
N GLY B 51 19.53 -31.08 -6.16
CA GLY B 51 18.62 -31.96 -6.86
C GLY B 51 17.17 -31.55 -6.84
N TYR B 52 16.89 -30.41 -6.22
CA TYR B 52 15.54 -29.87 -6.23
C TYR B 52 15.46 -28.69 -7.19
N THR B 53 14.34 -28.58 -7.90
CA THR B 53 14.08 -27.40 -8.70
C THR B 53 13.13 -26.51 -7.90
N ILE B 54 13.59 -25.32 -7.54
CA ILE B 54 12.77 -24.39 -6.76
C ILE B 54 12.23 -23.27 -7.65
N ASN B 55 10.91 -23.19 -7.77
CA ASN B 55 10.27 -22.11 -8.48
C ASN B 55 9.87 -21.02 -7.50
N LEU B 56 10.27 -19.79 -7.79
CA LEU B 56 9.99 -18.65 -6.93
C LEU B 56 8.91 -17.77 -7.55
N ILE B 57 8.01 -17.27 -6.70
CA ILE B 57 7.01 -16.29 -7.12
C ILE B 57 7.21 -15.00 -6.32
N ASP B 58 7.38 -13.88 -7.02
CA ASP B 58 7.66 -12.59 -6.39
C ASP B 58 6.37 -11.79 -6.23
N LEU B 59 5.84 -11.69 -5.00
CA LEU B 59 4.55 -11.05 -4.77
C LEU B 59 4.66 -9.55 -4.59
N PRO B 60 3.54 -8.82 -4.84
CA PRO B 60 3.45 -7.38 -4.61
C PRO B 60 3.62 -7.01 -3.14
N GLY B 61 4.22 -5.85 -2.87
CA GLY B 61 4.37 -5.38 -1.50
C GLY B 61 3.03 -5.02 -0.87
N THR B 62 2.84 -5.48 0.37
CA THR B 62 1.58 -5.32 1.08
C THR B 62 1.83 -5.03 2.56
N TYR B 63 1.26 -3.94 3.10
CA TYR B 63 1.34 -3.72 4.55
C TYR B 63 0.35 -4.60 5.30
N SER B 64 -0.75 -4.93 4.64
CA SER B 64 -1.75 -5.80 5.26
C SER B 64 -2.30 -6.75 4.23
N LEU B 65 -3.06 -7.74 4.69
CA LEU B 65 -3.71 -8.70 3.80
C LEU B 65 -5.23 -8.63 3.99
N GLY B 66 -5.77 -7.44 3.81
CA GLY B 66 -7.20 -7.25 3.73
C GLY B 66 -7.60 -7.52 2.29
N TYR B 67 -8.63 -6.83 1.81
CA TYR B 67 -9.08 -7.09 0.46
C TYR B 67 -9.68 -5.86 -0.21
N SER B 68 -8.96 -4.75 -0.14
CA SER B 68 -9.42 -3.51 -0.73
C SER B 68 -8.50 -3.03 -1.88
N SER B 69 -7.19 -3.02 -1.64
CA SER B 69 -6.25 -2.49 -2.64
C SER B 69 -5.83 -3.61 -3.58
N ILE B 70 -5.51 -3.26 -4.83
CA ILE B 70 -5.19 -4.29 -5.82
C ILE B 70 -4.02 -5.18 -5.42
N ASP B 71 -2.97 -4.60 -4.85
CA ASP B 71 -1.78 -5.40 -4.56
C ASP B 71 -2.05 -6.35 -3.40
N GLU B 72 -2.81 -5.84 -2.43
CA GLU B 72 -3.22 -6.64 -1.30
C GLU B 72 -4.11 -7.82 -1.74
N LYS B 73 -4.99 -7.58 -2.70
CA LYS B 73 -5.83 -8.67 -3.20
C LYS B 73 -5.01 -9.70 -3.97
N ILE B 74 -4.09 -9.22 -4.80
CA ILE B 74 -3.23 -10.12 -5.58
C ILE B 74 -2.40 -11.02 -4.67
N ALA B 75 -1.74 -10.41 -3.69
CA ALA B 75 -0.90 -11.16 -2.76
C ALA B 75 -1.71 -12.16 -1.94
N ARG B 76 -2.84 -11.72 -1.41
CA ARG B 76 -3.63 -12.61 -0.58
C ARG B 76 -4.24 -13.75 -1.38
N ASP B 77 -4.77 -13.43 -2.57
CA ASP B 77 -5.32 -14.48 -3.42
C ASP B 77 -4.27 -15.56 -3.71
N TYR B 78 -3.05 -15.17 -4.01
CA TYR B 78 -2.04 -16.17 -4.31
C TYR B 78 -1.70 -17.00 -3.07
N LEU B 79 -1.54 -16.34 -1.94
CA LEU B 79 -1.17 -17.04 -0.72
C LEU B 79 -2.24 -18.05 -0.30
N LEU B 80 -3.50 -17.70 -0.49
CA LEU B 80 -4.61 -18.56 -0.10
C LEU B 80 -5.01 -19.57 -1.17
N LYS B 81 -4.88 -19.19 -2.43
CA LYS B 81 -5.49 -19.97 -3.51
C LYS B 81 -4.45 -20.50 -4.49
N GLY B 82 -3.21 -20.06 -4.34
CA GLY B 82 -2.14 -20.45 -5.24
C GLY B 82 -1.53 -21.81 -4.95
N ASP B 83 -0.43 -22.11 -5.63
CA ASP B 83 0.14 -23.46 -5.57
C ASP B 83 1.47 -23.53 -4.81
N ALA B 84 1.73 -22.54 -3.95
CA ALA B 84 3.00 -22.48 -3.25
C ALA B 84 3.10 -23.53 -2.15
N ASP B 85 4.24 -24.22 -2.10
CA ASP B 85 4.51 -25.20 -1.05
C ASP B 85 4.97 -24.51 0.24
N LEU B 86 5.59 -23.36 0.09
CA LEU B 86 6.22 -22.67 1.20
C LEU B 86 6.20 -21.17 0.93
N VAL B 87 6.17 -20.37 1.99
CA VAL B 87 6.24 -18.92 1.86
C VAL B 87 7.48 -18.39 2.56
N ILE B 88 8.20 -17.48 1.91
CA ILE B 88 9.28 -16.74 2.57
C ILE B 88 8.75 -15.35 2.88
N LEU B 89 8.61 -15.05 4.17
CA LEU B 89 8.28 -13.71 4.58
C LEU B 89 9.59 -12.91 4.61
N VAL B 90 9.71 -12.00 3.65
CA VAL B 90 10.91 -11.19 3.54
C VAL B 90 10.72 -9.98 4.45
N ALA B 91 11.56 -9.84 5.47
CA ALA B 91 11.40 -8.79 6.47
C ALA B 91 12.54 -7.77 6.43
N ASP B 92 12.22 -6.51 6.68
CA ASP B 92 13.26 -5.49 6.74
C ASP B 92 13.90 -5.50 8.12
N SER B 93 15.14 -5.96 8.18
CA SER B 93 15.78 -6.20 9.47
C SER B 93 16.03 -4.90 10.22
N VAL B 94 16.22 -3.82 9.47
CA VAL B 94 16.49 -2.52 10.04
C VAL B 94 15.26 -1.98 10.74
N ASN B 95 14.09 -2.31 10.18
CA ASN B 95 12.83 -1.72 10.61
C ASN B 95 11.69 -2.76 10.54
N PRO B 96 11.70 -3.74 11.45
CA PRO B 96 10.92 -4.97 11.31
C PRO B 96 9.45 -4.96 11.76
N GLU B 97 8.98 -3.93 12.46
CA GLU B 97 7.64 -4.02 13.04
C GLU B 97 6.51 -4.33 12.03
N GLN B 98 6.45 -3.61 10.92
CA GLN B 98 5.37 -3.86 9.96
C GLN B 98 5.51 -5.26 9.37
N SER B 99 6.76 -5.67 9.14
CA SER B 99 7.02 -7.02 8.63
C SER B 99 6.48 -8.10 9.57
N LEU B 100 6.67 -7.89 10.87
CA LEU B 100 6.22 -8.87 11.85
C LEU B 100 4.68 -8.94 11.92
N TYR B 101 4.01 -7.79 11.77
CA TYR B 101 2.56 -7.78 11.67
C TYR B 101 2.07 -8.62 10.49
N LEU B 102 2.70 -8.40 9.34
CA LEU B 102 2.31 -9.12 8.13
C LEU B 102 2.58 -10.61 8.32
N LEU B 103 3.70 -10.91 8.95
CA LEU B 103 4.03 -12.29 9.25
C LEU B 103 2.93 -12.99 10.04
N LEU B 104 2.40 -12.34 11.08
CA LEU B 104 1.37 -12.96 11.91
C LEU B 104 0.14 -13.32 11.08
N GLU B 105 -0.22 -12.44 10.15
CA GLU B 105 -1.32 -12.72 9.24
C GLU B 105 -1.10 -14.01 8.47
N ILE B 106 0.11 -14.17 7.92
CA ILE B 106 0.40 -15.33 7.10
C ILE B 106 0.51 -16.61 7.94
N LEU B 107 1.06 -16.49 9.15
CA LEU B 107 1.12 -17.65 10.05
C LEU B 107 -0.28 -18.18 10.36
N GLU B 108 -1.27 -17.30 10.46
CA GLU B 108 -2.62 -17.76 10.78
C GLU B 108 -3.27 -18.49 9.61
N MET B 109 -2.65 -18.39 8.43
CA MET B 109 -3.15 -19.13 7.27
C MET B 109 -2.74 -20.60 7.35
N GLU B 110 -1.88 -20.94 8.31
CA GLU B 110 -1.35 -22.28 8.45
C GLU B 110 -0.55 -22.73 7.22
N LYS B 111 0.21 -21.80 6.65
CA LYS B 111 1.16 -22.13 5.60
C LYS B 111 2.53 -22.37 6.22
N LYS B 112 3.37 -23.14 5.53
CA LYS B 112 4.77 -23.24 5.94
C LYS B 112 5.46 -21.92 5.61
N VAL B 113 6.15 -21.33 6.59
CA VAL B 113 6.76 -20.03 6.38
C VAL B 113 8.19 -20.03 6.90
N ILE B 114 9.10 -19.45 6.11
CA ILE B 114 10.44 -19.13 6.59
C ILE B 114 10.56 -17.62 6.69
N LEU B 115 11.05 -17.12 7.82
CA LEU B 115 11.32 -15.69 7.97
C LEU B 115 12.73 -15.34 7.48
N ALA B 116 12.81 -14.52 6.44
CA ALA B 116 14.10 -14.04 5.97
C ALA B 116 14.30 -12.61 6.46
N MET B 117 15.21 -12.43 7.40
CA MET B 117 15.56 -11.10 7.85
C MET B 117 16.58 -10.56 6.87
N THR B 118 16.11 -9.79 5.89
CA THR B 118 16.99 -9.39 4.80
C THR B 118 17.64 -8.03 5.03
N ALA B 119 18.50 -7.63 4.09
CA ALA B 119 19.29 -6.43 4.25
C ALA B 119 20.05 -6.47 5.57
N ILE B 120 20.44 -7.67 5.99
CA ILE B 120 21.16 -7.81 7.24
C ILE B 120 22.51 -7.07 7.18
N ASP B 121 23.06 -6.95 5.97
CA ASP B 121 24.29 -6.19 5.78
C ASP B 121 24.13 -4.75 6.22
N GLU B 122 22.94 -4.18 5.99
CA GLU B 122 22.67 -2.82 6.43
C GLU B 122 22.30 -2.77 7.91
N ALA B 123 21.53 -3.78 8.35
CA ALA B 123 21.09 -3.81 9.73
C ALA B 123 22.26 -3.85 10.71
N LYS B 124 23.27 -4.65 10.41
CA LYS B 124 24.36 -4.81 11.38
C LYS B 124 25.13 -3.50 11.57
N LYS B 125 25.21 -2.71 10.50
CA LYS B 125 25.88 -1.41 10.54
C LYS B 125 25.35 -0.47 11.61
N THR B 126 24.10 -0.67 12.02
CA THR B 126 23.47 0.19 13.02
C THR B 126 23.91 -0.10 14.44
N GLY B 127 24.55 -1.26 14.65
CA GLY B 127 24.94 -1.67 15.98
C GLY B 127 23.83 -2.46 16.64
N MET B 128 22.72 -2.59 15.93
CA MET B 128 21.56 -3.34 16.39
C MET B 128 21.92 -4.80 16.66
N LYS B 129 21.25 -5.41 17.64
CA LYS B 129 21.43 -6.81 17.96
C LYS B 129 20.14 -7.57 17.69
N ILE B 130 20.12 -8.43 16.67
CA ILE B 130 18.96 -9.26 16.39
C ILE B 130 19.22 -10.70 16.82
N ASP B 131 18.41 -11.20 17.75
CA ASP B 131 18.61 -12.53 18.31
C ASP B 131 17.77 -13.56 17.56
N ARG B 132 18.40 -14.27 16.64
CA ARG B 132 17.68 -15.21 15.78
C ARG B 132 16.99 -16.29 16.59
N TYR B 133 17.61 -16.69 17.68
CA TYR B 133 17.02 -17.69 18.57
C TYR B 133 15.69 -17.23 19.18
N GLU B 134 15.65 -16.00 19.66
CA GLU B 134 14.42 -15.43 20.20
C GLU B 134 13.34 -15.31 19.15
N LEU B 135 13.71 -14.94 17.93
CA LEU B 135 12.73 -14.87 16.85
C LEU B 135 12.13 -16.24 16.59
N GLN B 136 12.98 -17.26 16.55
CA GLN B 136 12.50 -18.63 16.33
C GLN B 136 11.62 -19.09 17.49
N LYS B 137 12.01 -18.73 18.70
CA LYS B 137 11.25 -19.10 19.90
C LYS B 137 9.84 -18.51 19.89
N HIS B 138 9.74 -17.22 19.54
CA HIS B 138 8.46 -16.52 19.64
C HIS B 138 7.58 -16.67 18.40
N LEU B 139 8.20 -17.02 17.28
CA LEU B 139 7.44 -17.11 16.03
C LEU B 139 7.22 -18.54 15.58
N GLY B 140 8.05 -19.46 16.09
CA GLY B 140 7.86 -20.88 15.83
C GLY B 140 8.16 -21.34 14.42
N ILE B 141 8.99 -20.56 13.71
CA ILE B 141 9.38 -20.89 12.34
C ILE B 141 10.88 -20.70 12.15
N PRO B 142 11.42 -21.26 11.06
CA PRO B 142 12.86 -21.04 10.81
C PRO B 142 13.09 -19.58 10.49
N VAL B 143 14.22 -19.05 10.95
CA VAL B 143 14.62 -17.67 10.68
C VAL B 143 16.02 -17.68 10.09
N VAL B 144 16.21 -16.95 9.00
CA VAL B 144 17.51 -16.90 8.32
C VAL B 144 17.83 -15.44 8.03
N PHE B 145 19.01 -14.98 8.46
CA PHE B 145 19.50 -13.65 8.11
C PHE B 145 20.03 -13.67 6.68
N THR B 146 19.57 -12.74 5.84
CA THR B 146 20.01 -12.69 4.45
C THR B 146 20.49 -11.31 4.01
N SER B 147 21.34 -11.31 3.00
CA SER B 147 21.71 -10.09 2.29
C SER B 147 21.76 -10.37 0.79
N SER B 148 20.97 -9.60 0.03
CA SER B 148 21.02 -9.71 -1.42
C SER B 148 22.24 -9.00 -1.98
N VAL B 149 22.89 -8.20 -1.14
CA VAL B 149 24.09 -7.47 -1.52
C VAL B 149 25.37 -8.31 -1.36
N THR B 150 25.54 -8.90 -0.17
CA THR B 150 26.76 -9.65 0.14
C THR B 150 26.62 -11.14 -0.11
N GLY B 151 25.39 -11.62 -0.10
CA GLY B 151 25.14 -13.04 -0.30
C GLY B 151 25.02 -13.78 1.02
N GLU B 152 25.21 -13.06 2.13
CA GLU B 152 25.02 -13.67 3.44
C GLU B 152 23.69 -14.41 3.50
N GLY B 153 23.73 -15.65 3.98
CA GLY B 153 22.52 -16.42 4.23
C GLY B 153 21.80 -17.04 3.05
N LEU B 154 22.20 -16.71 1.83
CA LEU B 154 21.48 -17.23 0.67
C LEU B 154 21.51 -18.76 0.59
N GLU B 155 22.69 -19.35 0.77
CA GLU B 155 22.81 -20.79 0.72
C GLU B 155 22.09 -21.43 1.90
N GLU B 156 22.19 -20.81 3.07
CA GLU B 156 21.47 -21.28 4.24
C GLU B 156 19.95 -21.24 4.01
N LEU B 157 19.49 -20.22 3.29
CA LEU B 157 18.07 -20.12 2.99
C LEU B 157 17.64 -21.21 2.01
N LYS B 158 18.49 -21.49 1.02
CA LYS B 158 18.20 -22.56 0.07
C LYS B 158 18.10 -23.90 0.80
N GLU B 159 19.01 -24.12 1.75
CA GLU B 159 19.00 -25.35 2.56
C GLU B 159 17.72 -25.48 3.37
N LYS B 160 17.28 -24.39 4.00
CA LYS B 160 16.03 -24.39 4.76
C LYS B 160 14.79 -24.62 3.89
N ILE B 161 14.80 -24.05 2.70
CA ILE B 161 13.70 -24.25 1.76
C ILE B 161 13.47 -25.74 1.48
N VAL B 162 14.52 -26.45 1.05
CA VAL B 162 14.37 -27.86 0.73
C VAL B 162 14.12 -28.74 1.95
N GLU B 163 14.74 -28.40 3.08
CA GLU B 163 14.49 -29.12 4.33
C GLU B 163 13.03 -29.01 4.77
N TYR B 164 12.50 -27.79 4.73
CA TYR B 164 11.15 -27.52 5.21
C TYR B 164 10.11 -28.10 4.26
N ALA B 165 10.39 -28.05 2.97
CA ALA B 165 9.45 -28.55 1.97
C ALA B 165 9.17 -30.03 2.18
N GLN B 166 10.12 -30.73 2.78
CA GLN B 166 10.01 -32.18 2.97
C GLN B 166 9.15 -32.57 4.18
N LYS B 167 8.95 -31.63 5.09
CA LYS B 167 8.17 -31.90 6.30
C LYS B 167 6.69 -32.03 5.99
N ASN B 168 5.98 -32.77 6.84
CA ASN B 168 4.54 -32.93 6.70
C ASN B 168 3.80 -31.62 6.97
N ARG B 173 0.42 -25.07 14.40
CA ARG B 173 1.03 -23.90 15.03
C ARG B 173 0.24 -23.47 16.25
N MET B 174 0.95 -22.88 17.22
CA MET B 174 0.32 -22.29 18.39
C MET B 174 -0.51 -21.08 17.99
N ILE B 175 -1.73 -20.99 18.51
CA ILE B 175 -2.59 -19.87 18.16
C ILE B 175 -2.21 -18.61 18.92
N LEU B 176 -2.58 -17.46 18.37
CA LEU B 176 -2.50 -16.22 19.12
C LEU B 176 -3.83 -16.08 19.85
N ASP B 177 -3.79 -16.16 21.18
CA ASP B 177 -5.03 -16.17 21.96
C ASP B 177 -5.67 -14.79 22.03
N TYR B 178 -6.91 -14.70 21.55
CA TYR B 178 -7.58 -13.40 21.42
C TYR B 178 -8.53 -13.05 22.58
N GLY B 179 -8.46 -13.81 23.67
CA GLY B 179 -9.34 -13.57 24.80
C GLY B 179 -10.58 -14.43 24.78
N GLU B 180 -11.26 -14.53 25.93
CA GLU B 180 -12.40 -15.43 26.11
C GLU B 180 -13.47 -15.25 25.05
N LYS B 181 -13.89 -13.99 24.84
CA LYS B 181 -14.99 -13.68 23.94
C LYS B 181 -14.70 -14.12 22.52
N VAL B 182 -13.60 -13.63 21.96
CA VAL B 182 -13.26 -13.92 20.58
C VAL B 182 -12.97 -15.40 20.35
N GLU B 183 -12.22 -16.02 21.25
CA GLU B 183 -11.96 -17.45 21.12
C GLU B 183 -13.25 -18.27 21.14
N SER B 184 -14.20 -17.88 21.98
CA SER B 184 -15.47 -18.59 22.04
C SER B 184 -16.23 -18.47 20.72
N GLU B 185 -16.22 -17.28 20.15
CA GLU B 185 -16.91 -17.06 18.87
C GLU B 185 -16.22 -17.80 17.73
N ILE B 186 -14.88 -17.81 17.74
CA ILE B 186 -14.12 -18.58 16.76
C ILE B 186 -14.50 -20.06 16.81
N LYS B 187 -14.66 -20.59 18.02
CA LYS B 187 -15.01 -22.00 18.16
C LYS B 187 -16.37 -22.28 17.55
N LYS B 188 -17.30 -21.35 17.77
CA LYS B 188 -18.65 -21.50 17.24
C LYS B 188 -18.62 -21.46 15.72
N VAL B 189 -17.81 -20.56 15.16
CA VAL B 189 -17.68 -20.48 13.70
C VAL B 189 -17.03 -21.75 13.13
N GLU B 190 -15.95 -22.20 13.76
CA GLU B 190 -15.27 -23.41 13.32
C GLU B 190 -16.20 -24.62 13.33
N ASN B 191 -17.01 -24.73 14.38
CA ASN B 191 -17.95 -25.84 14.48
C ASN B 191 -18.92 -25.84 13.30
N PHE B 192 -19.42 -24.66 12.96
CA PHE B 192 -20.36 -24.51 11.85
C PHE B 192 -19.70 -24.78 10.49
N LEU B 193 -18.42 -24.45 10.37
CA LEU B 193 -17.72 -24.57 9.10
C LEU B 193 -17.20 -25.97 8.85
N ARG B 194 -17.34 -26.84 9.86
CA ARG B 194 -16.72 -28.15 9.81
C ARG B 194 -17.12 -28.99 8.60
N ASP B 195 -18.38 -28.88 8.19
CA ASP B 195 -18.88 -29.65 7.05
C ASP B 195 -18.98 -28.85 5.75
N LYS B 196 -18.34 -27.68 5.71
CA LYS B 196 -18.50 -26.79 4.57
C LYS B 196 -17.43 -26.90 3.49
N LYS B 197 -16.56 -27.89 3.60
CA LYS B 197 -15.58 -28.19 2.55
C LYS B 197 -14.56 -27.07 2.32
N LEU B 198 -14.19 -26.36 3.37
CA LEU B 198 -13.21 -25.29 3.23
C LEU B 198 -11.87 -25.81 2.76
N ARG B 199 -11.19 -25.01 1.94
CA ARG B 199 -9.81 -25.29 1.55
C ARG B 199 -8.92 -24.20 2.17
N ILE B 200 -9.49 -23.52 3.15
CA ILE B 200 -8.80 -22.51 3.94
C ILE B 200 -8.85 -22.96 5.40
N ASN B 201 -7.81 -22.65 6.15
CA ASN B 201 -7.82 -22.87 7.59
C ASN B 201 -9.07 -22.25 8.24
N PRO B 202 -9.84 -23.03 9.00
CA PRO B 202 -11.09 -22.53 9.61
C PRO B 202 -10.91 -21.38 10.61
N ARG B 203 -9.84 -21.40 11.38
CA ARG B 203 -9.57 -20.30 12.31
C ARG B 203 -9.32 -19.01 11.54
N TYR B 204 -8.57 -19.10 10.46
CA TYR B 204 -8.30 -17.93 9.61
C TYR B 204 -9.60 -17.40 9.01
N PHE B 205 -10.41 -18.30 8.49
CA PHE B 205 -11.72 -17.91 7.96
C PHE B 205 -12.54 -17.18 9.03
N ALA B 206 -12.62 -17.77 10.22
CA ALA B 206 -13.39 -17.20 11.31
C ALA B 206 -12.94 -15.78 11.64
N LEU B 207 -11.64 -15.60 11.80
CA LEU B 207 -11.11 -14.28 12.11
C LEU B 207 -11.50 -13.25 11.06
N LYS B 208 -11.40 -13.60 9.78
CA LYS B 208 -11.73 -12.67 8.71
C LYS B 208 -13.23 -12.39 8.65
N TYR B 209 -14.02 -13.44 8.81
CA TYR B 209 -15.48 -13.30 8.85
C TYR B 209 -15.92 -12.40 10.00
N LEU B 210 -15.40 -12.66 11.19
CA LEU B 210 -15.77 -11.85 12.36
C LEU B 210 -15.35 -10.40 12.18
N SER B 211 -14.22 -10.20 11.49
CA SER B 211 -13.65 -8.87 11.25
C SER B 211 -14.33 -8.13 10.10
N GLY B 212 -15.32 -8.75 9.47
CA GLY B 212 -16.06 -8.10 8.40
C GLY B 212 -15.25 -7.92 7.13
N ASP B 213 -14.30 -8.81 6.90
CA ASP B 213 -13.51 -8.80 5.68
C ASP B 213 -14.44 -8.87 4.46
N PRO B 214 -14.21 -8.00 3.47
CA PRO B 214 -15.07 -7.99 2.26
C PRO B 214 -15.30 -9.38 1.69
N GLU B 215 -14.26 -10.18 1.56
CA GLU B 215 -14.40 -11.52 0.98
C GLU B 215 -14.99 -12.53 1.96
N PHE B 216 -14.32 -12.70 3.11
CA PHE B 216 -14.72 -13.76 4.04
C PHE B 216 -16.04 -13.52 4.77
N TYR B 217 -16.36 -12.26 5.08
CA TYR B 217 -17.63 -12.00 5.74
C TYR B 217 -18.81 -12.37 4.84
N SER B 218 -18.80 -11.87 3.60
CA SER B 218 -19.86 -12.18 2.65
C SER B 218 -19.93 -13.68 2.32
N GLU B 219 -18.78 -14.31 2.13
CA GLU B 219 -18.78 -15.75 1.86
C GLU B 219 -19.25 -16.57 3.08
N GLY B 220 -18.91 -16.10 4.28
CA GLY B 220 -19.36 -16.77 5.50
C GLY B 220 -20.86 -16.74 5.64
N VAL B 221 -21.45 -15.57 5.41
CA VAL B 221 -22.90 -15.43 5.48
C VAL B 221 -23.58 -16.29 4.40
N LYS B 222 -22.98 -16.31 3.22
CA LYS B 222 -23.48 -17.18 2.14
C LYS B 222 -23.47 -18.66 2.52
N LEU B 223 -22.50 -19.09 3.31
CA LEU B 223 -22.44 -20.49 3.77
C LEU B 223 -23.45 -20.78 4.87
N GLY B 224 -24.07 -19.74 5.42
CA GLY B 224 -25.05 -19.93 6.48
C GLY B 224 -24.71 -19.32 7.83
N LEU B 225 -23.56 -18.65 7.93
CA LEU B 225 -23.21 -17.97 9.16
C LEU B 225 -24.10 -16.75 9.35
N PRO B 226 -24.32 -16.35 10.60
CA PRO B 226 -25.17 -15.18 10.89
C PRO B 226 -24.57 -13.88 10.35
N GLU B 227 -25.43 -12.94 9.97
CA GLU B 227 -24.97 -11.60 9.70
C GLU B 227 -24.47 -11.00 11.00
N LEU B 228 -23.53 -10.06 10.89
CA LEU B 228 -22.98 -9.39 12.06
C LEU B 228 -23.22 -7.90 11.93
N SER B 229 -23.51 -7.24 13.04
CA SER B 229 -23.71 -5.80 13.01
C SER B 229 -22.39 -5.11 12.68
N GLU B 230 -22.48 -3.89 12.20
CA GLU B 230 -21.29 -3.14 11.83
C GLU B 230 -20.43 -2.92 13.07
N GLU B 231 -21.09 -2.69 14.20
CA GLU B 231 -20.38 -2.48 15.45
C GLU B 231 -19.61 -3.73 15.85
N GLU B 232 -20.24 -4.89 15.68
CA GLU B 232 -19.60 -6.16 16.00
C GLU B 232 -18.36 -6.36 15.14
N ARG B 233 -18.50 -6.16 13.83
CA ARG B 233 -17.38 -6.35 12.91
C ARG B 233 -16.23 -5.38 13.21
N ILE B 234 -16.57 -4.13 13.50
CA ILE B 234 -15.59 -3.14 13.86
C ILE B 234 -14.92 -3.53 15.17
N GLY B 235 -15.73 -4.05 16.08
CA GLY B 235 -15.24 -4.43 17.40
C GLY B 235 -14.28 -5.60 17.35
N TYR B 236 -14.63 -6.62 16.55
CA TYR B 236 -13.77 -7.80 16.44
C TYR B 236 -12.47 -7.43 15.73
N ARG B 237 -12.58 -6.63 14.68
CA ARG B 237 -11.41 -6.23 13.92
C ARG B 237 -10.42 -5.48 14.82
N LEU B 238 -10.93 -4.65 15.71
CA LEU B 238 -10.06 -3.87 16.58
C LEU B 238 -9.39 -4.67 17.71
N LEU B 239 -10.09 -5.64 18.28
CA LEU B 239 -9.46 -6.43 19.32
C LEU B 239 -8.47 -7.46 18.76
N ILE B 240 -8.72 -7.90 17.53
CA ILE B 240 -7.76 -8.75 16.84
C ILE B 240 -6.49 -7.94 16.52
N ALA B 241 -6.66 -6.72 16.02
CA ALA B 241 -5.52 -5.85 15.76
C ALA B 241 -4.76 -5.50 17.05
N LYS B 242 -5.49 -5.28 18.13
CA LYS B 242 -4.88 -4.97 19.42
C LYS B 242 -3.98 -6.10 19.91
N ARG B 243 -4.47 -7.33 19.79
CA ARG B 243 -3.72 -8.48 20.25
C ARG B 243 -2.49 -8.71 19.37
N LYS B 244 -2.63 -8.55 18.06
CA LYS B 244 -1.48 -8.68 17.17
C LYS B 244 -0.41 -7.64 17.50
N ARG B 245 -0.84 -6.42 17.85
CA ARG B 245 0.10 -5.36 18.22
C ARG B 245 0.85 -5.72 19.50
N GLU B 246 0.12 -6.18 20.50
CA GLU B 246 0.74 -6.65 21.73
C GLU B 246 1.80 -7.69 21.42
N TYR B 247 1.46 -8.63 20.55
CA TYR B 247 2.37 -9.74 20.29
C TYR B 247 3.63 -9.26 19.58
N VAL B 248 3.46 -8.43 18.55
CA VAL B 248 4.60 -7.92 17.80
C VAL B 248 5.53 -7.10 18.70
N GLU B 249 4.95 -6.23 19.51
CA GLU B 249 5.77 -5.40 20.39
C GLU B 249 6.55 -6.26 21.39
N ASN B 250 5.96 -7.36 21.83
CA ASN B 250 6.67 -8.26 22.74
C ASN B 250 7.85 -8.96 22.05
N VAL B 251 7.63 -9.39 20.82
CA VAL B 251 8.71 -10.00 20.04
C VAL B 251 9.86 -9.02 19.82
N VAL B 252 9.53 -7.77 19.52
CA VAL B 252 10.56 -6.77 19.28
C VAL B 252 11.34 -6.55 20.57
N LYS B 253 10.62 -6.52 21.68
CA LYS B 253 11.26 -6.32 22.98
C LYS B 253 12.19 -7.48 23.33
N GLU B 254 11.77 -8.70 23.00
CA GLU B 254 12.56 -9.88 23.35
C GLU B 254 13.70 -10.16 22.36
N ALA B 255 13.50 -9.83 21.09
CA ALA B 255 14.44 -10.28 20.06
C ALA B 255 15.41 -9.22 19.52
N PHE B 256 15.14 -7.95 19.81
CA PHE B 256 15.92 -6.86 19.23
C PHE B 256 16.57 -5.96 20.27
N ALA B 257 17.74 -5.44 19.92
CA ALA B 257 18.47 -4.50 20.76
C ALA B 257 19.57 -3.84 19.92
PG GNP C . 7.09 2.89 -4.09
O1G GNP C . 7.29 1.52 -3.53
O2G GNP C . 5.64 3.25 -4.24
O3G GNP C . 7.80 3.72 -3.08
N3B GNP C . 7.86 3.01 -5.51
PB GNP C . 8.30 4.35 -6.26
O1B GNP C . 9.18 5.20 -5.43
O2B GNP C . 7.08 5.02 -6.77
O3A GNP C . 9.09 3.98 -7.53
PA GNP C . 10.62 3.82 -7.75
O1A GNP C . 11.13 2.85 -6.74
O2A GNP C . 11.32 5.11 -7.86
O5' GNP C . 10.78 3.15 -9.17
C5' GNP C . 10.04 1.99 -9.56
C4' GNP C . 10.70 1.36 -10.78
O4' GNP C . 10.52 2.23 -11.93
C3' GNP C . 12.20 1.15 -10.62
O3' GNP C . 12.61 -0.08 -11.21
C2' GNP C . 12.78 2.34 -11.39
O2' GNP C . 14.07 2.07 -11.93
C1' GNP C . 11.77 2.53 -12.50
N9 GNP C . 11.72 3.92 -12.96
C8 GNP C . 11.47 5.02 -12.17
N7 GNP C . 11.48 6.14 -12.83
C5 GNP C . 11.77 5.76 -14.13
C6 GNP C . 11.92 6.55 -15.28
O6 GNP C . 11.82 7.78 -15.37
N1 GNP C . 12.20 5.79 -16.41
C2 GNP C . 12.34 4.42 -16.41
N2 GNP C . 12.62 3.86 -17.59
N3 GNP C . 12.20 3.65 -15.33
C4 GNP C . 11.92 4.40 -14.22
C1 MRD D . 7.37 12.04 -27.58
C2 MRD D . 6.38 12.69 -26.61
O2 MRD D . 6.99 13.86 -26.02
CM MRD D . 5.14 13.13 -27.36
C3 MRD D . 5.99 11.74 -25.47
C4 MRD D . 5.60 10.34 -25.92
O4 MRD D . 4.34 10.43 -26.57
C5 MRD D . 5.45 9.40 -24.74
MG MG E . 7.81 -0.39 -4.21
MG MG F . 9.37 5.01 -3.25
PG GNP G . 8.29 -3.74 -3.91
O1G GNP G . 8.01 -4.95 -4.74
O2G GNP G . 8.14 -2.45 -4.69
O3G GNP G . 7.41 -3.90 -2.70
N3B GNP G . 9.85 -3.74 -3.46
PB GNP G . 10.71 -4.99 -2.99
O1B GNP G . 10.24 -5.51 -1.68
O2B GNP G . 10.78 -5.98 -4.08
O3A GNP G . 12.17 -4.52 -2.74
PA GNP G . 13.34 -4.32 -3.72
O1A GNP G . 13.98 -5.60 -4.06
O2A GNP G . 12.91 -3.44 -4.85
O5' GNP G . 14.43 -3.52 -2.88
C5' GNP G . 14.06 -2.34 -2.20
C4' GNP G . 15.31 -1.52 -1.91
O4' GNP G . 16.08 -2.23 -0.90
C3' GNP G . 16.27 -1.33 -3.08
O3' GNP G . 16.95 -0.10 -2.93
C2' GNP G . 17.25 -2.49 -2.91
O2' GNP G . 18.52 -2.22 -3.48
C1' GNP G . 17.36 -2.55 -1.40
N9 GNP G . 17.75 -3.86 -0.89
C8 GNP G . 17.09 -5.05 -1.10
N7 GNP G . 17.68 -6.07 -0.52
C5 GNP G . 18.77 -5.51 0.13
C6 GNP G . 19.76 -6.14 0.92
O6 GNP G . 19.85 -7.35 1.22
N1 GNP G . 20.70 -5.22 1.39
C2 GNP G . 20.68 -3.87 1.12
N2 GNP G . 21.66 -3.14 1.65
N3 GNP G . 19.76 -3.28 0.37
C4 GNP G . 18.83 -4.16 -0.09
C1 MRD H . 25.50 -9.22 13.61
C2 MRD H . 24.23 -10.06 13.79
O2 MRD H . 24.38 -11.34 13.13
CM MRD H . 24.01 -10.30 15.29
C3 MRD H . 23.00 -9.36 13.23
C4 MRD H . 22.96 -7.87 13.56
O4 MRD H . 22.44 -7.72 14.87
C5 MRD H . 22.03 -7.15 12.59
MG MG I . 9.48 -6.12 -5.77
#